data_5LGG
#
_entry.id   5LGG
#
_cell.length_a   82.633
_cell.length_b   113.262
_cell.length_c   100.436
_cell.angle_alpha   90.00
_cell.angle_beta   90.00
_cell.angle_gamma   90.00
#
_symmetry.space_group_name_H-M   'C 2 2 21'
#
loop_
_entity.id
_entity.type
_entity.pdbx_description
1 polymer 'Anaphase-promoting complex subunit 1,Anaphase-promoting complex subunit 1,Anaphase-promoting complex subunit 1,Anaphase-promoting complex subunit 1'
2 water water
#
_entity_poly.entity_id   1
_entity_poly.type   'polypeptide(L)'
_entity_poly.pdbx_seq_one_letter_code
;MSNFYEERTTMIAARDLQEFVPFGRDHCKHHPNGSAGSAQKESWQLRKGVSEIGEDVDYDEELYVAGNMVIWSKGSKSQA
LAVYKAFTVDSPVQQALWCDFIISQDKSEKAYSSNEVEKCICILQSSCINMHSIEGKDYIASLPFQVANVWPTKYGLLFE
RSASSHEVPPGSPREPLPTMFSMLHPLDEITPLVCKSGSLFGSSRVQYVVDHAMKIVFLNTDPSIVMTYDAVQNVHSVWT
LRRVKSEEENVVLKFSEQGGTPQNVATSSSLTAHLRGSIVPELCIDHLWTETITNIREKNSQASKVFITSDLCGQKFLCF
LVESQLQLRCVKFQESNDKTQLIFGSVTNIPAKDAAPVEKIDTMLVLEGSGNLVLYTGVVRVGKVFIPGLPAPSLTMSGT
YIHSIRDPVHNRVTLELSNGSMVRITIPEIA
;
_entity_poly.pdbx_strand_id   A
#
# COMPACT_ATOMS: atom_id res chain seq x y z
N SER A 2 7.18 20.99 -44.18
CA SER A 2 7.12 21.43 -42.79
C SER A 2 6.30 20.48 -41.93
N ASN A 3 6.49 20.55 -40.61
CA ASN A 3 5.82 19.65 -39.68
C ASN A 3 4.40 20.10 -39.33
N PHE A 4 4.17 21.41 -39.34
CA PHE A 4 2.85 22.01 -39.10
C PHE A 4 2.22 21.57 -37.77
N TYR A 5 3.03 21.59 -36.71
CA TYR A 5 2.56 21.32 -35.35
C TYR A 5 2.11 19.88 -35.16
N GLU A 6 2.31 19.05 -36.18
CA GLU A 6 2.02 17.64 -36.08
C GLU A 6 2.83 17.00 -34.95
N GLU A 7 2.11 16.38 -34.00
CA GLU A 7 2.69 15.85 -32.75
C GLU A 7 3.70 14.71 -32.96
N ARG A 8 4.76 14.71 -32.16
CA ARG A 8 5.74 13.61 -32.16
C ARG A 8 6.11 13.13 -30.73
N THR A 9 6.46 14.07 -29.85
CA THR A 9 6.97 13.77 -28.52
C THR A 9 6.27 14.62 -27.45
N THR A 10 6.09 14.04 -26.25
CA THR A 10 5.49 14.77 -25.14
C THR A 10 6.46 14.86 -23.98
N MET A 11 6.52 16.03 -23.38
CA MET A 11 7.43 16.27 -22.28
C MET A 11 6.65 16.96 -21.19
N ILE A 12 6.78 16.40 -19.98
CA ILE A 12 6.05 16.84 -18.81
C ILE A 12 6.95 17.65 -17.88
N ALA A 13 6.53 18.87 -17.52
CA ALA A 13 7.33 19.68 -16.62
C ALA A 13 7.02 19.38 -15.14
N ALA A 14 7.91 18.64 -14.46
CA ALA A 14 7.81 18.53 -13.01
C ALA A 14 8.28 19.84 -12.40
N ARG A 15 7.81 20.15 -11.21
CA ARG A 15 8.21 21.43 -10.62
C ARG A 15 8.25 21.35 -9.11
N ASP A 16 8.60 22.47 -8.45
CA ASP A 16 8.44 22.65 -7.00
C ASP A 16 9.22 21.56 -6.26
N LEU A 17 10.48 21.46 -6.64
CA LEU A 17 11.41 20.52 -6.10
C LEU A 17 11.82 20.95 -4.67
N GLN A 18 11.81 20.01 -3.72
CA GLN A 18 12.26 20.28 -2.35
C GLN A 18 13.00 19.08 -1.77
N GLU A 19 14.06 19.34 -1.02
CA GLU A 19 14.74 18.30 -0.26
C GLU A 19 13.75 17.65 0.70
N PHE A 20 13.76 16.33 0.75
CA PHE A 20 12.92 15.67 1.72
C PHE A 20 13.76 14.93 2.76
N VAL A 21 13.51 15.24 4.02
CA VAL A 21 13.98 14.42 5.15
C VAL A 21 12.76 14.17 6.02
N PRO A 22 12.50 12.89 6.38
CA PRO A 22 11.30 12.62 7.19
C PRO A 22 11.30 13.46 8.43
N PHE A 23 10.17 14.09 8.75
CA PHE A 23 9.99 14.83 9.99
C PHE A 23 10.55 14.11 11.24
N GLY A 24 10.15 12.86 11.41
CA GLY A 24 10.49 12.12 12.58
C GLY A 24 11.97 11.85 12.77
N ARG A 25 12.77 11.97 11.72
CA ARG A 25 14.20 11.71 11.84
C ARG A 25 14.82 12.65 12.86
N ASP A 26 14.28 13.86 12.96
CA ASP A 26 14.80 14.85 13.88
C ASP A 26 14.44 14.59 15.34
N HIS A 27 13.32 13.91 15.56
CA HIS A 27 12.73 13.78 16.90
C HIS A 27 12.97 12.41 17.49
N CYS A 28 14.04 11.75 17.05
CA CYS A 28 14.35 10.41 17.52
C CYS A 28 15.76 10.31 18.11
N LYS A 29 16.05 9.18 18.76
CA LYS A 29 17.31 9.00 19.49
C LYS A 29 18.54 8.90 18.59
N HIS A 30 19.62 9.58 19.00
CA HIS A 30 20.90 9.49 18.30
C HIS A 30 22.05 9.92 19.21
N GLN A 40 20.00 2.79 13.55
CA GLN A 40 20.14 3.66 12.38
C GLN A 40 19.14 3.31 11.26
N LYS A 41 18.56 2.11 11.33
CA LYS A 41 17.49 1.74 10.43
C LYS A 41 16.31 2.67 10.67
N GLU A 42 15.64 3.06 9.60
CA GLU A 42 14.46 3.90 9.72
C GLU A 42 13.47 3.56 8.63
N SER A 43 12.20 3.75 8.92
CA SER A 43 11.20 3.62 7.88
C SER A 43 10.08 4.62 8.15
N TRP A 44 9.33 4.95 7.11
CA TRP A 44 8.20 5.84 7.29
C TRP A 44 7.17 5.61 6.21
N GLN A 45 5.98 6.11 6.41
CA GLN A 45 5.06 6.22 5.30
C GLN A 45 4.32 7.52 5.40
N LEU A 46 3.95 8.04 4.23
CA LEU A 46 3.19 9.27 4.12
C LEU A 46 1.82 8.94 3.56
N ARG A 47 0.81 9.66 4.04
CA ARG A 47 -0.52 9.57 3.45
C ARG A 47 -1.09 10.97 3.50
N LYS A 48 -2.26 11.19 2.93
CA LYS A 48 -2.83 12.52 3.04
C LYS A 48 -3.47 12.67 4.40
N GLY A 49 -3.34 13.88 4.92
CA GLY A 49 -4.07 14.29 6.11
C GLY A 49 -5.36 14.94 5.69
N VAL A 50 -6.18 15.33 6.66
CA VAL A 50 -7.46 15.94 6.37
C VAL A 50 -7.38 17.44 6.58
N SER A 51 -7.92 18.19 5.62
CA SER A 51 -8.13 19.62 5.82
C SER A 51 -9.54 19.81 6.32
N GLU A 52 -9.84 21.01 6.80
CA GLU A 52 -11.22 21.35 7.11
C GLU A 52 -11.99 21.56 5.80
N ILE A 53 -13.31 21.61 5.89
CA ILE A 53 -14.16 21.69 4.71
C ILE A 53 -13.91 22.95 3.87
N GLY A 54 -13.50 22.75 2.62
CA GLY A 54 -13.22 23.88 1.75
C GLY A 54 -11.99 24.63 2.22
N GLU A 55 -11.09 23.93 2.88
CA GLU A 55 -9.77 24.48 3.20
C GLU A 55 -8.84 24.20 2.01
N ASP A 56 -8.14 25.24 1.57
CA ASP A 56 -7.39 25.22 0.33
C ASP A 56 -5.98 24.65 0.49
N VAL A 57 -5.76 23.84 1.52
CA VAL A 57 -4.41 23.37 1.82
C VAL A 57 -4.29 21.84 1.87
N ASP A 58 -3.15 21.35 1.38
CA ASP A 58 -2.83 19.93 1.35
C ASP A 58 -2.06 19.52 2.60
N TYR A 59 -2.63 18.62 3.39
CA TYR A 59 -1.95 18.11 4.57
C TYR A 59 -1.33 16.75 4.30
N ASP A 60 -0.10 16.55 4.80
CA ASP A 60 0.55 15.23 4.83
C ASP A 60 0.53 14.65 6.24
N GLU A 61 0.40 13.33 6.36
CA GLU A 61 0.68 12.68 7.62
C GLU A 61 1.86 11.76 7.42
N GLU A 62 2.70 11.70 8.43
CA GLU A 62 3.86 10.83 8.40
C GLU A 62 3.84 9.94 9.64
N LEU A 63 4.13 8.67 9.43
CA LEU A 63 4.32 7.74 10.53
C LEU A 63 5.74 7.25 10.40
N TYR A 64 6.59 7.60 11.36
CA TYR A 64 8.01 7.35 11.24
C TYR A 64 8.50 6.39 12.32
N VAL A 65 9.40 5.47 11.97
CA VAL A 65 9.92 4.49 12.93
C VAL A 65 11.45 4.41 12.91
N ALA A 66 12.08 4.50 14.08
CA ALA A 66 13.50 4.27 14.21
C ALA A 66 13.82 3.72 15.61
N GLY A 67 14.47 2.56 15.63
CA GLY A 67 14.78 1.89 16.89
C GLY A 67 13.56 1.69 17.76
N ASN A 68 13.51 2.40 18.88
CA ASN A 68 12.44 2.20 19.87
C ASN A 68 11.38 3.27 19.83
N MET A 69 11.37 4.08 18.78
CA MET A 69 10.42 5.17 18.74
C MET A 69 9.56 5.19 17.46
N VAL A 70 8.35 5.69 17.62
CA VAL A 70 7.44 5.89 16.52
C VAL A 70 7.00 7.34 16.59
N ILE A 71 7.15 8.06 15.49
CA ILE A 71 6.74 9.45 15.45
C ILE A 71 5.61 9.66 14.46
N TRP A 72 4.44 10.04 14.98
CA TRP A 72 3.35 10.44 14.12
C TRP A 72 3.35 11.96 13.95
N SER A 73 3.16 12.45 12.73
CA SER A 73 3.14 13.88 12.51
C SER A 73 2.21 14.27 11.37
N LYS A 74 1.66 15.47 11.47
CA LYS A 74 0.77 16.02 10.46
C LYS A 74 1.15 17.46 10.16
N GLY A 75 1.31 17.77 8.88
CA GLY A 75 1.74 19.09 8.49
C GLY A 75 1.40 19.41 7.04
N SER A 76 1.91 20.53 6.56
CA SER A 76 1.63 20.99 5.21
C SER A 76 2.91 21.50 4.55
N LYS A 77 2.98 21.40 3.22
CA LYS A 77 4.14 21.92 2.50
C LYS A 77 4.07 23.45 2.43
N SER A 78 2.91 24.00 2.78
CA SER A 78 2.66 25.44 2.73
C SER A 78 2.64 26.12 4.10
N GLN A 79 2.56 25.33 5.17
CA GLN A 79 2.60 25.88 6.52
C GLN A 79 3.89 25.51 7.23
N ALA A 80 4.39 26.42 8.05
CA ALA A 80 5.66 26.24 8.73
C ALA A 80 5.61 25.15 9.80
N LEU A 81 4.54 25.12 10.60
CA LEU A 81 4.51 24.27 11.77
C LEU A 81 3.67 23.01 11.59
N ALA A 82 4.18 21.91 12.12
CA ALA A 82 3.49 20.63 12.10
C ALA A 82 3.25 20.15 13.52
N VAL A 83 2.13 19.46 13.73
CA VAL A 83 1.85 18.79 15.00
C VAL A 83 2.41 17.38 14.94
N TYR A 84 2.84 16.86 16.08
CA TYR A 84 3.37 15.51 16.11
C TYR A 84 3.12 14.80 17.44
N LYS A 85 3.21 13.47 17.41
CA LYS A 85 3.03 12.66 18.60
C LYS A 85 4.12 11.57 18.58
N ALA A 86 4.93 11.54 19.64
CA ALA A 86 6.00 10.56 19.76
C ALA A 86 5.59 9.42 20.68
N PHE A 87 5.90 8.19 20.30
CA PHE A 87 5.72 7.03 21.16
C PHE A 87 7.09 6.42 21.37
N THR A 88 7.40 6.04 22.62
CA THR A 88 8.64 5.33 22.92
C THR A 88 8.31 3.99 23.58
N VAL A 89 8.89 2.92 23.07
CA VAL A 89 8.73 1.62 23.70
C VAL A 89 10.11 1.11 24.11
N ASP A 90 10.15 -0.05 24.75
CA ASP A 90 11.32 -0.53 25.48
C ASP A 90 12.22 -1.43 24.65
N SER A 91 11.71 -1.86 23.51
CA SER A 91 12.40 -2.80 22.62
C SER A 91 12.18 -2.35 21.17
N PRO A 92 13.01 -2.84 20.21
CA PRO A 92 12.91 -2.36 18.82
C PRO A 92 11.52 -2.52 18.24
N VAL A 93 11.00 -1.46 17.60
CA VAL A 93 9.71 -1.56 16.94
C VAL A 93 9.81 -2.43 15.70
N GLN A 94 9.04 -3.51 15.63
CA GLN A 94 9.10 -4.35 14.45
C GLN A 94 8.30 -3.73 13.31
N GLN A 95 7.24 -3.03 13.65
CA GLN A 95 6.37 -2.51 12.62
C GLN A 95 5.39 -1.55 13.24
N ALA A 96 5.06 -0.49 12.51
CA ALA A 96 4.07 0.48 12.95
C ALA A 96 3.16 0.79 11.80
N LEU A 97 1.86 0.89 12.06
CA LEU A 97 0.93 1.13 10.96
C LEU A 97 -0.34 1.80 11.48
N TRP A 98 -1.05 2.48 10.57
CA TRP A 98 -2.40 2.94 10.84
C TRP A 98 -3.38 1.81 10.63
N CYS A 99 -4.40 1.72 11.48
CA CYS A 99 -5.43 0.69 11.31
C CYS A 99 -6.73 1.21 11.85
N ASP A 100 -7.81 0.47 11.64
CA ASP A 100 -9.07 0.91 12.20
C ASP A 100 -9.95 -0.29 12.46
N PHE A 101 -10.83 -0.16 13.46
CA PHE A 101 -11.69 -1.26 13.84
C PHE A 101 -13.12 -0.79 13.75
N ILE A 102 -13.97 -1.65 13.23
CA ILE A 102 -15.39 -1.35 13.07
C ILE A 102 -16.12 -1.37 14.43
N ILE A 103 -16.68 -0.22 14.78
CA ILE A 103 -17.44 0.01 16.01
C ILE A 103 -18.92 -0.31 15.79
N SER A 104 -19.43 0.11 14.65
CA SER A 104 -20.85 0.02 14.35
C SER A 104 -21.03 -0.25 12.87
N GLN A 105 -21.59 -1.41 12.56
CA GLN A 105 -21.77 -1.77 11.17
C GLN A 105 -22.83 -0.93 10.47
N ASP A 106 -22.49 -0.52 9.26
CA ASP A 106 -23.40 0.21 8.39
C ASP A 106 -24.67 -0.58 8.09
N LYS A 107 -25.81 -0.06 8.55
CA LYS A 107 -27.11 -0.69 8.31
C LYS A 107 -27.72 -0.28 6.97
N SER A 108 -27.01 0.56 6.22
CA SER A 108 -27.59 1.16 5.02
C SER A 108 -26.95 0.70 3.71
N GLU A 109 -27.77 0.59 2.68
CA GLU A 109 -27.34 0.21 1.34
C GLU A 109 -26.83 1.40 0.54
N LYS A 110 -27.24 2.59 0.96
CA LYS A 110 -26.96 3.83 0.24
C LYS A 110 -25.47 4.12 0.12
N ALA A 111 -25.07 4.64 -1.04
CA ALA A 111 -23.65 4.84 -1.35
C ALA A 111 -22.93 5.81 -0.40
N TYR A 112 -23.66 6.75 0.20
CA TYR A 112 -23.05 7.71 1.11
C TYR A 112 -22.79 7.09 2.49
N SER A 113 -23.42 5.96 2.79
CA SER A 113 -23.32 5.44 4.15
C SER A 113 -22.05 4.61 4.35
N SER A 114 -21.63 4.49 5.60
CA SER A 114 -20.43 3.72 5.91
C SER A 114 -20.41 3.24 7.36
N ASN A 115 -19.49 2.33 7.66
CA ASN A 115 -19.23 1.85 9.01
C ASN A 115 -18.62 2.94 9.87
N GLU A 116 -19.06 3.03 11.13
CA GLU A 116 -18.40 3.86 12.12
C GLU A 116 -17.17 3.08 12.61
N VAL A 117 -16.01 3.73 12.71
CA VAL A 117 -14.80 2.97 13.01
C VAL A 117 -13.95 3.69 14.03
N GLU A 118 -13.03 2.94 14.62
CA GLU A 118 -12.11 3.44 15.63
C GLU A 118 -10.71 3.40 15.02
N LYS A 119 -10.12 4.57 14.76
CA LYS A 119 -8.83 4.68 14.08
C LYS A 119 -7.66 4.64 15.06
N CYS A 120 -6.61 3.90 14.71
CA CYS A 120 -5.50 3.70 15.64
C CYS A 120 -4.16 3.73 14.96
N ILE A 121 -3.13 3.94 15.77
CA ILE A 121 -1.76 3.65 15.40
C ILE A 121 -1.35 2.36 16.11
N CYS A 122 -0.90 1.40 15.33
CA CYS A 122 -0.55 0.14 15.89
C CYS A 122 0.96 -0.01 15.88
N ILE A 123 1.53 -0.32 17.04
CA ILE A 123 2.98 -0.50 17.23
C ILE A 123 3.30 -1.93 17.65
N LEU A 124 4.06 -2.63 16.83
CA LEU A 124 4.36 -4.04 17.09
C LEU A 124 5.79 -4.24 17.56
N GLN A 125 5.94 -4.89 18.71
CA GLN A 125 7.23 -5.32 19.25
C GLN A 125 7.31 -6.86 19.27
N SER A 126 8.47 -7.40 19.67
CA SER A 126 8.58 -8.84 19.90
C SER A 126 7.57 -9.31 20.93
N SER A 127 7.62 -8.66 22.09
CA SER A 127 6.85 -9.08 23.27
C SER A 127 5.35 -8.79 23.20
N CYS A 128 4.94 -7.77 22.44
CA CYS A 128 3.54 -7.34 22.48
C CYS A 128 3.11 -6.41 21.38
N ILE A 129 1.81 -6.09 21.37
CA ILE A 129 1.28 -5.14 20.40
C ILE A 129 0.47 -4.07 21.14
N ASN A 130 0.72 -2.82 20.77
CA ASN A 130 0.03 -1.67 21.34
C ASN A 130 -0.80 -0.96 20.26
N MET A 131 -2.05 -0.67 20.57
CA MET A 131 -2.91 0.13 19.69
C MET A 131 -3.38 1.40 20.39
N HIS A 132 -3.03 2.53 19.79
CA HIS A 132 -3.36 3.84 20.33
C HIS A 132 -4.42 4.49 19.46
N SER A 133 -5.62 4.66 20.01
CA SER A 133 -6.71 5.22 19.24
C SER A 133 -6.62 6.74 19.21
N ILE A 134 -7.20 7.36 18.20
CA ILE A 134 -7.12 8.82 18.09
C ILE A 134 -7.83 9.45 19.28
N GLU A 135 -8.89 8.80 19.76
CA GLU A 135 -9.69 9.31 20.87
C GLU A 135 -9.02 9.11 22.24
N GLY A 136 -7.85 8.48 22.26
CA GLY A 136 -7.11 8.42 23.50
C GLY A 136 -7.02 7.10 24.28
N LYS A 137 -7.49 6.00 23.69
CA LYS A 137 -7.37 4.71 24.38
C LYS A 137 -6.11 3.96 23.95
N ASP A 138 -5.33 3.49 24.91
CA ASP A 138 -4.18 2.60 24.63
C ASP A 138 -4.59 1.15 24.86
N TYR A 139 -4.62 0.37 23.79
CA TYR A 139 -4.88 -1.05 23.94
C TYR A 139 -3.59 -1.85 23.95
N ILE A 140 -3.42 -2.73 24.94
CA ILE A 140 -2.25 -3.60 24.97
C ILE A 140 -2.66 -5.07 24.88
N ALA A 141 -2.08 -5.78 23.92
CA ALA A 141 -2.36 -7.20 23.72
C ALA A 141 -1.05 -7.90 23.42
N SER A 142 -1.08 -9.23 23.38
CA SER A 142 0.07 -9.97 22.89
C SER A 142 -0.42 -11.19 22.14
N LEU A 143 0.40 -11.66 21.19
CA LEU A 143 0.02 -12.79 20.36
C LEU A 143 0.79 -14.02 20.79
N PRO A 144 0.15 -15.20 20.72
CA PRO A 144 0.77 -16.44 21.22
C PRO A 144 1.87 -16.98 20.32
N PHE A 145 2.22 -16.25 19.26
CA PHE A 145 3.25 -16.70 18.31
C PHE A 145 4.08 -15.53 17.81
N GLN A 146 5.13 -15.83 17.06
CA GLN A 146 5.95 -14.79 16.42
C GLN A 146 5.26 -14.20 15.18
N VAL A 147 5.33 -12.89 15.04
CA VAL A 147 4.64 -12.26 13.92
C VAL A 147 5.64 -11.96 12.79
N ALA A 148 5.38 -12.50 11.60
CA ALA A 148 6.22 -12.19 10.44
C ALA A 148 5.87 -10.82 9.84
N ASN A 149 4.59 -10.50 9.81
CA ASN A 149 4.10 -9.22 9.33
C ASN A 149 2.66 -8.99 9.75
N VAL A 150 2.26 -7.73 9.81
CA VAL A 150 0.86 -7.45 10.06
C VAL A 150 0.31 -6.48 9.00
N TRP A 151 -0.98 -6.58 8.68
CA TRP A 151 -1.57 -5.82 7.60
C TRP A 151 -2.87 -5.18 8.07
N PRO A 152 -3.10 -3.90 7.72
CA PRO A 152 -4.39 -3.31 8.02
C PRO A 152 -5.42 -3.76 6.98
N THR A 153 -6.65 -4.01 7.44
CA THR A 153 -7.71 -4.44 6.54
C THR A 153 -8.95 -3.61 6.82
N LYS A 154 -9.97 -3.80 6.01
CA LYS A 154 -11.28 -3.22 6.27
C LYS A 154 -11.80 -3.61 7.67
N TYR A 155 -11.39 -4.79 8.14
CA TYR A 155 -11.97 -5.32 9.38
C TYR A 155 -11.02 -5.30 10.57
N GLY A 156 -9.86 -4.70 10.41
CA GLY A 156 -8.95 -4.59 11.54
C GLY A 156 -7.53 -4.98 11.14
N LEU A 157 -6.98 -5.96 11.83
CA LEU A 157 -5.62 -6.39 11.52
C LEU A 157 -5.60 -7.84 11.09
N LEU A 158 -4.63 -8.15 10.24
CA LEU A 158 -4.41 -9.49 9.75
C LEU A 158 -2.94 -9.79 10.01
N PHE A 159 -2.68 -10.83 10.80
CA PHE A 159 -1.32 -11.25 11.17
C PHE A 159 -0.85 -12.44 10.36
N GLU A 160 0.40 -12.40 9.91
CA GLU A 160 1.06 -13.60 9.39
C GLU A 160 2.01 -14.15 10.45
N ARG A 161 1.88 -15.44 10.72
CA ARG A 161 2.71 -16.07 11.73
C ARG A 161 4.03 -16.49 11.13
N SER A 162 5.14 -16.24 11.82
CA SER A 162 6.43 -16.78 11.39
C SER A 162 6.41 -18.32 11.51
N ALA A 163 7.12 -18.98 10.61
CA ALA A 163 7.29 -20.44 10.73
C ALA A 163 8.18 -20.78 11.93
N SER A 164 7.89 -21.90 12.60
CA SER A 164 8.71 -22.36 13.71
C SER A 164 9.04 -23.84 13.59
N PRO A 173 -2.19 -37.97 14.21
CA PRO A 173 -2.97 -37.25 13.21
C PRO A 173 -2.18 -36.17 12.48
N ARG A 174 -2.89 -35.33 11.73
CA ARG A 174 -2.26 -34.24 10.99
C ARG A 174 -3.06 -32.94 11.19
N GLU A 175 -2.55 -32.06 12.04
CA GLU A 175 -3.27 -30.84 12.40
C GLU A 175 -2.38 -29.60 12.34
N PRO A 176 -2.08 -29.10 11.13
CA PRO A 176 -1.22 -27.91 11.01
C PRO A 176 -1.83 -26.69 11.69
N LEU A 177 -1.01 -25.89 12.35
CA LEU A 177 -1.47 -24.62 12.89
C LEU A 177 -1.72 -23.67 11.69
N PRO A 178 -2.83 -22.91 11.74
CA PRO A 178 -3.12 -21.90 10.71
C PRO A 178 -2.07 -20.81 10.68
N THR A 179 -1.77 -20.25 9.51
CA THR A 179 -0.69 -19.27 9.39
C THR A 179 -1.16 -17.81 9.35
N MET A 180 -2.46 -17.57 9.26
CA MET A 180 -2.96 -16.20 9.21
C MET A 180 -4.11 -15.99 10.17
N PHE A 181 -4.13 -14.81 10.81
CA PHE A 181 -5.08 -14.54 11.89
C PHE A 181 -5.66 -13.14 11.81
N SER A 182 -6.96 -13.01 12.00
CA SER A 182 -7.55 -11.67 12.05
C SER A 182 -7.85 -11.23 13.47
N MET A 183 -7.73 -9.92 13.67
CA MET A 183 -8.07 -9.24 14.89
C MET A 183 -9.05 -8.11 14.58
N LEU A 184 -10.29 -8.30 14.99
CA LEU A 184 -11.39 -7.42 14.59
C LEU A 184 -11.58 -6.27 15.57
N HIS A 185 -11.06 -6.43 16.79
CA HIS A 185 -11.08 -5.38 17.81
C HIS A 185 -9.87 -5.60 18.67
N PRO A 186 -9.26 -4.52 19.17
CA PRO A 186 -7.98 -4.65 19.86
C PRO A 186 -8.08 -5.51 21.13
N LEU A 187 -9.25 -5.65 21.74
CA LEU A 187 -9.37 -6.48 22.94
C LEU A 187 -9.88 -7.88 22.62
N ASP A 188 -10.33 -8.12 21.39
CA ASP A 188 -10.87 -9.44 21.05
C ASP A 188 -9.76 -10.45 20.84
N GLU A 189 -10.11 -11.72 21.00
CA GLU A 189 -9.22 -12.82 20.66
C GLU A 189 -9.02 -12.89 19.15
N ILE A 190 -7.80 -13.18 18.72
CA ILE A 190 -7.55 -13.31 17.29
C ILE A 190 -8.15 -14.63 16.82
N THR A 191 -8.49 -14.69 15.55
CA THR A 191 -9.12 -15.89 15.00
C THR A 191 -8.44 -16.27 13.70
N PRO A 192 -8.30 -17.58 13.45
CA PRO A 192 -7.66 -18.02 12.22
C PRO A 192 -8.47 -17.60 10.98
N LEU A 193 -7.77 -17.20 9.93
CA LEU A 193 -8.35 -16.92 8.62
C LEU A 193 -8.69 -18.22 7.85
N VAL A 194 -9.83 -18.23 7.16
CA VAL A 194 -10.11 -19.33 6.21
C VAL A 194 -10.01 -18.82 4.78
N CYS A 195 -9.94 -19.74 3.83
CA CYS A 195 -9.97 -19.43 2.41
C CYS A 195 -10.97 -20.31 1.63
N LYS A 196 -11.57 -19.72 0.61
CA LYS A 196 -12.44 -20.41 -0.31
C LYS A 196 -11.90 -20.27 -1.74
N SER A 197 -11.69 -21.39 -2.43
CA SER A 197 -11.16 -21.35 -3.79
C SER A 197 -12.04 -22.14 -4.76
N GLY A 198 -12.70 -21.42 -5.67
CA GLY A 198 -13.60 -22.03 -6.64
C GLY A 198 -13.05 -23.14 -7.54
N SER A 199 -13.90 -24.13 -7.81
CA SER A 199 -13.57 -25.26 -8.69
C SER A 199 -14.72 -25.49 -9.67
N LEU A 200 -14.42 -26.17 -10.77
CA LEU A 200 -15.44 -26.41 -11.78
C LEU A 200 -16.36 -27.58 -11.42
N PHE A 201 -15.76 -28.76 -11.23
CA PHE A 201 -16.51 -30.01 -11.11
C PHE A 201 -17.02 -30.27 -9.69
N ARG A 205 -15.12 -25.78 -1.10
CA ARG A 205 -15.42 -25.65 0.32
C ARG A 205 -14.33 -24.85 1.03
N VAL A 206 -14.69 -24.17 2.12
CA VAL A 206 -13.72 -23.34 2.85
C VAL A 206 -12.75 -24.16 3.67
N GLN A 207 -11.54 -23.64 3.86
CA GLN A 207 -10.59 -24.29 4.77
C GLN A 207 -9.61 -23.29 5.40
N TYR A 208 -8.99 -23.73 6.49
CA TYR A 208 -8.00 -22.90 7.16
C TYR A 208 -6.78 -22.62 6.27
N VAL A 209 -6.27 -21.41 6.38
CA VAL A 209 -5.04 -21.04 5.71
C VAL A 209 -3.85 -21.62 6.45
N VAL A 210 -3.23 -22.65 5.88
CA VAL A 210 -2.09 -23.30 6.53
C VAL A 210 -0.83 -23.30 5.69
N ASP A 211 -0.94 -22.95 4.42
CA ASP A 211 0.22 -23.01 3.53
C ASP A 211 1.23 -21.90 3.82
N HIS A 212 2.46 -22.30 4.14
CA HIS A 212 3.53 -21.34 4.37
C HIS A 212 4.03 -20.73 3.07
N ALA A 213 3.76 -21.40 1.94
CA ALA A 213 4.17 -20.91 0.63
C ALA A 213 3.38 -19.66 0.20
N MET A 214 2.25 -19.42 0.83
CA MET A 214 1.42 -18.29 0.48
C MET A 214 1.83 -17.03 1.26
N LYS A 215 2.28 -16.00 0.54
CA LYS A 215 2.74 -14.77 1.16
C LYS A 215 1.83 -13.60 0.77
N ILE A 216 1.38 -12.82 1.76
CA ILE A 216 0.63 -11.61 1.46
C ILE A 216 1.56 -10.54 0.88
N VAL A 217 1.10 -9.82 -0.13
CA VAL A 217 1.90 -8.74 -0.68
C VAL A 217 1.13 -7.41 -0.73
N PHE A 218 -0.17 -7.46 -0.47
CA PHE A 218 -1.00 -6.28 -0.60
C PHE A 218 -2.34 -6.43 0.09
N LEU A 219 -2.75 -5.38 0.78
CA LEU A 219 -4.10 -5.29 1.33
C LEU A 219 -4.76 -4.04 0.80
N ASN A 220 -6.06 -4.11 0.60
CA ASN A 220 -6.80 -2.90 0.30
C ASN A 220 -8.15 -2.92 1.00
N THR A 221 -8.65 -1.74 1.38
CA THR A 221 -9.89 -1.69 2.13
C THR A 221 -11.11 -1.55 1.22
N ASP A 222 -11.00 -0.72 0.18
CA ASP A 222 -12.12 -0.53 -0.73
C ASP A 222 -11.63 -0.41 -2.19
N PRO A 223 -11.78 -1.48 -2.97
CA PRO A 223 -12.41 -2.75 -2.60
C PRO A 223 -11.59 -3.57 -1.59
N SER A 224 -12.27 -4.43 -0.84
CA SER A 224 -11.64 -5.20 0.21
C SER A 224 -10.98 -6.43 -0.38
N ILE A 225 -9.69 -6.36 -0.63
CA ILE A 225 -8.98 -7.44 -1.29
C ILE A 225 -7.60 -7.70 -0.70
N VAL A 226 -7.09 -8.89 -0.99
CA VAL A 226 -5.76 -9.32 -0.58
C VAL A 226 -5.04 -9.79 -1.79
N MET A 227 -3.77 -9.42 -1.95
CA MET A 227 -3.00 -10.12 -2.96
C MET A 227 -1.95 -10.99 -2.31
N THR A 228 -1.85 -12.21 -2.82
CA THR A 228 -0.83 -13.11 -2.34
C THR A 228 0.06 -13.59 -3.45
N TYR A 229 1.27 -13.98 -3.05
CA TYR A 229 2.23 -14.63 -3.90
C TYR A 229 2.35 -16.09 -3.46
N ASP A 230 2.25 -17.01 -4.42
CA ASP A 230 2.41 -18.44 -4.14
C ASP A 230 3.86 -18.83 -4.42
N ALA A 231 4.65 -18.99 -3.36
CA ALA A 231 6.09 -19.19 -3.47
C ALA A 231 6.55 -20.50 -4.11
N VAL A 232 5.67 -21.49 -4.25
CA VAL A 232 6.10 -22.73 -4.92
C VAL A 232 5.61 -22.77 -6.37
N GLN A 233 4.47 -22.17 -6.67
CA GLN A 233 4.00 -22.08 -8.05
C GLN A 233 4.42 -20.77 -8.73
N ASN A 234 4.99 -19.85 -7.96
CA ASN A 234 5.49 -18.57 -8.48
C ASN A 234 4.47 -17.77 -9.28
N VAL A 235 3.27 -17.61 -8.72
CA VAL A 235 2.22 -16.80 -9.35
C VAL A 235 1.48 -16.03 -8.26
N HIS A 236 0.99 -14.84 -8.60
CA HIS A 236 0.23 -14.04 -7.65
C HIS A 236 -1.26 -14.35 -7.75
N SER A 237 -1.98 -14.20 -6.63
CA SER A 237 -3.43 -14.34 -6.66
C SER A 237 -4.08 -13.17 -5.94
N VAL A 238 -5.31 -12.84 -6.31
CA VAL A 238 -6.06 -11.78 -5.62
C VAL A 238 -7.33 -12.36 -5.02
N TRP A 239 -7.70 -11.88 -3.84
CA TRP A 239 -8.82 -12.46 -3.09
C TRP A 239 -9.73 -11.37 -2.55
N THR A 240 -11.02 -11.65 -2.48
CA THR A 240 -11.93 -10.84 -1.69
C THR A 240 -11.79 -11.17 -0.21
N LEU A 241 -11.52 -10.15 0.60
CA LEU A 241 -11.55 -10.35 2.05
C LEU A 241 -12.89 -9.89 2.56
N ARG A 242 -13.61 -10.83 3.18
CA ARG A 242 -14.96 -10.61 3.69
C ARG A 242 -15.21 -11.41 4.98
N ARG A 243 -16.37 -11.20 5.60
CA ARG A 243 -16.77 -11.97 6.76
C ARG A 243 -17.15 -13.39 6.36
N VAL A 244 -16.94 -14.35 7.28
CA VAL A 244 -17.37 -15.72 6.98
C VAL A 244 -18.89 -15.78 6.96
N LYS A 245 -19.43 -16.69 6.16
CA LYS A 245 -20.89 -16.88 6.09
C LYS A 245 -21.31 -17.79 7.23
N SER A 246 -22.58 -17.71 7.62
CA SER A 246 -23.06 -18.45 8.79
C SER A 246 -22.87 -19.96 8.64
N GLU A 247 -22.70 -20.43 7.41
CA GLU A 247 -22.25 -21.79 7.16
C GLU A 247 -20.73 -21.83 7.38
N GLU A 248 -20.37 -21.70 8.66
CA GLU A 248 -19.01 -21.84 9.15
C GLU A 248 -18.86 -23.19 9.86
N GLU A 249 -19.64 -24.17 9.43
CA GLU A 249 -19.57 -25.51 10.00
C GLU A 249 -18.20 -26.09 9.67
N ASN A 250 -17.34 -26.10 10.68
CA ASN A 250 -15.94 -26.47 10.52
C ASN A 250 -15.25 -26.58 11.87
N ILE A 279 -11.21 -23.24 17.06
CA ILE A 279 -11.58 -21.83 17.11
C ILE A 279 -12.13 -21.33 15.74
N VAL A 280 -13.25 -20.62 15.79
CA VAL A 280 -14.03 -20.29 14.61
C VAL A 280 -13.60 -18.99 13.94
N PRO A 281 -13.41 -19.05 12.62
CA PRO A 281 -12.96 -17.89 11.84
C PRO A 281 -14.02 -16.78 11.78
N GLU A 282 -13.55 -15.55 11.61
CA GLU A 282 -14.42 -14.40 11.43
C GLU A 282 -14.33 -13.90 9.98
N LEU A 283 -13.15 -14.02 9.38
CA LEU A 283 -12.91 -13.56 8.02
C LEU A 283 -12.55 -14.70 7.08
N CYS A 284 -12.67 -14.44 5.79
CA CYS A 284 -12.40 -15.42 4.74
C CYS A 284 -11.75 -14.74 3.53
N ILE A 285 -10.81 -15.43 2.88
CA ILE A 285 -10.35 -14.93 1.60
C ILE A 285 -10.95 -15.80 0.52
N ASP A 286 -11.53 -15.14 -0.47
CA ASP A 286 -12.38 -15.76 -1.48
C ASP A 286 -11.72 -15.52 -2.83
N HIS A 287 -11.20 -16.57 -3.45
CA HIS A 287 -10.40 -16.43 -4.67
C HIS A 287 -11.12 -15.66 -5.77
N LEU A 288 -10.41 -14.71 -6.35
CA LEU A 288 -10.95 -13.90 -7.44
C LEU A 288 -10.19 -14.17 -8.72
N TRP A 289 -8.88 -14.23 -8.63
CA TRP A 289 -8.05 -14.19 -9.83
C TRP A 289 -6.65 -14.69 -9.53
N THR A 290 -6.09 -15.39 -10.48
CA THR A 290 -4.72 -15.84 -10.42
C THR A 290 -4.11 -15.46 -11.76
N GLU A 291 -2.89 -14.95 -11.77
CA GLU A 291 -2.29 -14.54 -13.03
C GLU A 291 -1.96 -15.75 -13.88
N THR A 292 -2.08 -15.61 -15.20
CA THR A 292 -1.92 -16.70 -16.16
C THR A 292 -0.46 -17.08 -16.39
N ILE A 293 0.44 -16.15 -16.15
CA ILE A 293 1.88 -16.38 -16.27
C ILE A 293 2.35 -17.57 -15.44
N GLU A 298 10.69 -18.11 -17.72
CA GLU A 298 10.54 -16.81 -17.08
C GLU A 298 10.41 -16.96 -15.55
N LYS A 299 11.42 -16.54 -14.81
CA LYS A 299 11.31 -16.57 -13.35
C LYS A 299 10.44 -15.41 -12.86
N ASN A 300 9.47 -15.71 -12.01
CA ASN A 300 8.49 -14.75 -11.58
C ASN A 300 8.55 -14.49 -10.08
N SER A 301 9.25 -13.44 -9.68
CA SER A 301 9.49 -13.21 -8.26
C SER A 301 8.28 -12.60 -7.53
N GLN A 302 8.33 -12.64 -6.21
CA GLN A 302 7.31 -12.02 -5.38
C GLN A 302 7.31 -10.52 -5.64
N ALA A 303 6.14 -9.95 -5.81
CA ALA A 303 6.01 -8.55 -6.14
C ALA A 303 6.57 -7.63 -5.05
N SER A 304 7.44 -6.72 -5.43
CA SER A 304 8.08 -5.81 -4.48
C SER A 304 7.18 -4.65 -4.05
N LYS A 305 6.19 -4.34 -4.89
CA LYS A 305 5.30 -3.22 -4.63
C LYS A 305 3.99 -3.50 -5.32
N VAL A 306 2.88 -3.06 -4.72
CA VAL A 306 1.57 -3.27 -5.30
C VAL A 306 0.74 -2.05 -5.06
N PHE A 307 -0.05 -1.63 -6.05
CA PHE A 307 -0.96 -0.50 -5.82
C PHE A 307 -2.07 -0.46 -6.86
N ILE A 308 -3.10 0.33 -6.56
CA ILE A 308 -4.19 0.53 -7.49
C ILE A 308 -4.02 1.90 -8.14
N THR A 309 -4.29 1.99 -9.44
CA THR A 309 -4.26 3.27 -10.10
C THR A 309 -5.47 3.38 -10.99
N SER A 310 -5.83 4.61 -11.37
CA SER A 310 -6.92 4.86 -12.31
C SER A 310 -6.43 5.76 -13.43
N ASP A 311 -6.97 5.58 -14.63
CA ASP A 311 -6.62 6.48 -15.70
C ASP A 311 -7.67 7.59 -15.81
N LEU A 312 -7.53 8.44 -16.82
CA LEU A 312 -8.32 9.65 -16.97
C LEU A 312 -9.79 9.39 -17.19
N CYS A 313 -10.14 8.20 -17.67
CA CYS A 313 -11.55 7.90 -17.88
C CYS A 313 -12.12 6.94 -16.82
N GLY A 314 -11.39 6.72 -15.74
CA GLY A 314 -11.93 5.98 -14.62
C GLY A 314 -11.65 4.48 -14.59
N GLN A 315 -10.94 3.95 -15.58
CA GLN A 315 -10.56 2.53 -15.55
C GLN A 315 -9.50 2.26 -14.47
N LYS A 316 -9.81 1.37 -13.53
CA LYS A 316 -8.87 1.03 -12.47
C LYS A 316 -7.94 -0.10 -12.90
N PHE A 317 -6.72 -0.10 -12.36
CA PHE A 317 -5.79 -1.19 -12.57
C PHE A 317 -5.17 -1.59 -11.23
N LEU A 318 -4.93 -2.87 -11.07
CA LEU A 318 -4.17 -3.38 -9.94
C LEU A 318 -2.79 -3.64 -10.50
N CYS A 319 -1.78 -2.97 -9.95
CA CYS A 319 -0.45 -3.05 -10.51
C CYS A 319 0.54 -3.63 -9.52
N PHE A 320 1.36 -4.55 -9.99
CA PHE A 320 2.35 -5.11 -9.08
C PHE A 320 3.68 -5.22 -9.81
N LEU A 321 4.71 -4.76 -9.11
CA LEU A 321 6.04 -4.65 -9.63
C LEU A 321 6.83 -5.93 -9.37
N VAL A 322 7.23 -6.58 -10.46
CA VAL A 322 8.00 -7.79 -10.41
C VAL A 322 9.43 -7.42 -10.76
N GLU A 323 10.24 -7.28 -9.72
CA GLU A 323 11.60 -6.78 -9.86
C GLU A 323 12.45 -7.63 -10.80
N SER A 324 12.36 -8.95 -10.65
CA SER A 324 13.23 -9.85 -11.39
C SER A 324 13.04 -9.76 -12.90
N GLN A 325 11.91 -9.20 -13.33
CA GLN A 325 11.61 -9.09 -14.75
C GLN A 325 11.60 -7.64 -15.20
N LEU A 326 11.82 -6.73 -14.25
CA LEU A 326 11.64 -5.31 -14.44
C LEU A 326 10.33 -5.00 -15.14
N GLN A 327 9.25 -5.60 -14.66
CA GLN A 327 7.94 -5.29 -15.20
C GLN A 327 6.95 -4.86 -14.13
N LEU A 328 6.14 -3.89 -14.49
CA LEU A 328 4.94 -3.58 -13.76
C LEU A 328 3.75 -4.25 -14.45
N ARG A 329 3.19 -5.29 -13.82
CA ARG A 329 2.03 -5.97 -14.38
C ARG A 329 0.78 -5.28 -13.91
N CYS A 330 -0.02 -4.85 -14.87
CA CYS A 330 -1.19 -4.03 -14.57
C CYS A 330 -2.43 -4.78 -15.03
N VAL A 331 -3.31 -5.12 -14.10
CA VAL A 331 -4.49 -5.85 -14.51
C VAL A 331 -5.71 -4.96 -14.33
N LYS A 332 -6.47 -4.76 -15.41
CA LYS A 332 -7.70 -3.99 -15.35
C LYS A 332 -8.63 -4.69 -14.41
N PHE A 333 -9.42 -3.92 -13.67
CA PHE A 333 -10.54 -4.52 -12.96
C PHE A 333 -11.60 -3.48 -12.79
N GLN A 334 -12.77 -3.96 -12.42
CA GLN A 334 -13.90 -3.10 -12.13
C GLN A 334 -14.88 -3.82 -11.22
N GLU A 335 -15.72 -3.06 -10.53
CA GLU A 335 -16.73 -3.65 -9.67
C GLU A 335 -17.83 -4.25 -10.53
N SER A 336 -18.43 -5.34 -10.08
CA SER A 336 -19.59 -5.90 -10.75
C SER A 336 -20.71 -4.85 -10.77
N ASN A 337 -21.60 -4.91 -11.76
CA ASN A 337 -22.68 -3.94 -11.85
C ASN A 337 -23.79 -4.26 -10.84
N ASP A 338 -23.82 -5.51 -10.37
CA ASP A 338 -24.64 -5.90 -9.23
C ASP A 338 -23.87 -5.59 -7.94
N LYS A 339 -22.64 -5.10 -8.11
CA LYS A 339 -21.72 -4.64 -7.06
C LYS A 339 -21.33 -5.69 -6.01
N THR A 340 -21.60 -6.97 -6.29
CA THR A 340 -21.23 -8.01 -5.32
C THR A 340 -19.74 -8.38 -5.35
N GLN A 341 -19.06 -8.24 -6.49
CA GLN A 341 -17.62 -8.53 -6.55
C GLN A 341 -16.86 -7.88 -7.71
N LEU A 342 -15.55 -8.15 -7.76
CA LEU A 342 -14.68 -7.62 -8.80
C LEU A 342 -14.63 -8.47 -10.06
N ILE A 343 -14.48 -7.79 -11.20
CA ILE A 343 -14.28 -8.41 -12.51
C ILE A 343 -12.86 -8.05 -13.00
N PHE A 344 -12.09 -9.02 -13.49
CA PHE A 344 -10.73 -8.74 -13.94
C PHE A 344 -10.54 -8.86 -15.46
N GLY A 345 -9.86 -7.87 -16.06
CA GLY A 345 -9.65 -7.80 -17.49
C GLY A 345 -8.22 -8.08 -17.90
N SER A 346 -7.73 -7.38 -18.92
CA SER A 346 -6.43 -7.67 -19.51
C SER A 346 -5.27 -7.29 -18.59
N VAL A 347 -4.14 -7.98 -18.72
CA VAL A 347 -2.97 -7.58 -17.99
C VAL A 347 -1.93 -7.09 -18.99
N THR A 348 -1.31 -5.97 -18.65
CA THR A 348 -0.32 -5.31 -19.48
C THR A 348 0.99 -5.27 -18.72
N ASN A 349 2.07 -5.63 -19.38
CA ASN A 349 3.38 -5.48 -18.81
C ASN A 349 4.02 -4.19 -19.25
N ILE A 350 4.29 -3.33 -18.29
CA ILE A 350 4.96 -2.07 -18.50
C ILE A 350 6.37 -2.16 -17.93
N PRO A 351 7.38 -1.86 -18.75
CA PRO A 351 8.77 -1.89 -18.29
C PRO A 351 8.97 -0.89 -17.15
N ALA A 352 9.52 -1.34 -16.02
CA ALA A 352 9.68 -0.47 -14.87
C ALA A 352 10.67 -1.05 -13.85
N LYS A 353 11.53 -0.18 -13.32
CA LYS A 353 12.35 -0.49 -12.16
C LYS A 353 11.53 -0.17 -10.94
N ASP A 354 10.70 0.86 -11.04
CA ASP A 354 9.87 1.28 -9.94
C ASP A 354 8.67 2.09 -10.46
N ALA A 355 7.70 2.33 -9.59
CA ALA A 355 6.49 3.03 -9.99
C ALA A 355 5.74 3.51 -8.78
N ALA A 356 4.95 4.56 -8.98
CA ALA A 356 4.14 5.11 -7.91
C ALA A 356 2.87 5.74 -8.49
N PRO A 357 1.71 5.42 -7.88
CA PRO A 357 0.46 6.03 -8.35
C PRO A 357 0.38 7.50 -7.91
N VAL A 358 -0.15 8.39 -8.75
CA VAL A 358 -0.37 9.77 -8.34
C VAL A 358 -1.86 9.99 -8.41
N GLU A 359 -2.55 9.72 -7.31
CA GLU A 359 -4.00 9.54 -7.32
C GLU A 359 -4.77 10.79 -7.63
N LYS A 360 -4.29 11.93 -7.14
CA LYS A 360 -5.05 13.16 -7.26
C LYS A 360 -5.30 13.53 -8.72
N ILE A 361 -4.48 12.99 -9.63
CA ILE A 361 -4.51 13.42 -11.02
C ILE A 361 -4.63 12.28 -12.02
N ASP A 362 -4.88 11.06 -11.53
CA ASP A 362 -5.17 9.86 -12.34
C ASP A 362 -4.06 9.46 -13.29
N THR A 363 -2.84 9.61 -12.80
CA THR A 363 -1.70 9.16 -13.57
C THR A 363 -0.81 8.34 -12.66
N MET A 364 0.22 7.75 -13.25
CA MET A 364 1.15 6.90 -12.54
C MET A 364 2.57 7.20 -13.04
N LEU A 365 3.50 7.43 -12.12
CA LEU A 365 4.91 7.62 -12.45
C LEU A 365 5.64 6.30 -12.53
N VAL A 366 6.42 6.14 -13.59
CA VAL A 366 7.22 4.94 -13.77
C VAL A 366 8.68 5.35 -13.90
N LEU A 367 9.52 4.69 -13.12
CA LEU A 367 10.96 4.83 -13.24
C LEU A 367 11.52 3.68 -14.07
N GLU A 368 12.12 4.02 -15.20
CA GLU A 368 12.63 2.99 -16.09
C GLU A 368 14.01 2.54 -15.68
N GLY A 369 14.43 1.39 -16.20
CA GLY A 369 15.77 0.89 -15.95
C GLY A 369 16.86 1.89 -16.26
N SER A 370 16.62 2.74 -17.25
CA SER A 370 17.60 3.72 -17.71
C SER A 370 17.73 4.91 -16.77
N GLY A 371 16.80 5.02 -15.82
CA GLY A 371 16.76 6.19 -14.97
C GLY A 371 15.78 7.26 -15.47
N ASN A 372 15.19 7.06 -16.65
CA ASN A 372 14.14 7.96 -17.14
C ASN A 372 12.86 7.87 -16.33
N LEU A 373 12.28 9.02 -16.03
CA LEU A 373 10.96 9.15 -15.45
C LEU A 373 9.91 9.27 -16.52
N VAL A 374 8.89 8.42 -16.47
CA VAL A 374 7.84 8.39 -17.48
C VAL A 374 6.45 8.42 -16.85
N LEU A 375 5.58 9.28 -17.39
CA LEU A 375 4.23 9.43 -16.85
C LEU A 375 3.25 8.58 -17.65
N TYR A 376 2.42 7.82 -16.93
CA TYR A 376 1.37 6.99 -17.54
C TYR A 376 0.00 7.43 -17.05
N THR A 377 -1.04 7.13 -17.82
CA THR A 377 -2.37 7.19 -17.23
C THR A 377 -2.93 5.80 -17.47
N GLY A 378 -3.08 5.05 -16.38
CA GLY A 378 -3.30 3.61 -16.50
C GLY A 378 -2.13 3.00 -17.26
N VAL A 379 -2.43 2.25 -18.32
CA VAL A 379 -1.37 1.63 -19.10
C VAL A 379 -1.02 2.42 -20.37
N VAL A 380 -1.54 3.63 -20.51
CA VAL A 380 -1.17 4.46 -21.65
C VAL A 380 -0.04 5.42 -21.28
N ARG A 381 1.07 5.31 -21.98
CA ARG A 381 2.21 6.21 -21.81
C ARG A 381 1.82 7.61 -22.27
N VAL A 382 2.14 8.62 -21.46
CA VAL A 382 1.85 10.01 -21.78
C VAL A 382 3.12 10.72 -22.26
N GLY A 383 4.17 10.67 -21.44
CA GLY A 383 5.44 11.21 -21.88
C GLY A 383 6.51 11.19 -20.81
N LYS A 384 7.70 11.60 -21.21
CA LYS A 384 8.82 11.68 -20.31
C LYS A 384 8.65 12.85 -19.36
N VAL A 385 9.06 12.66 -18.11
CA VAL A 385 8.95 13.71 -17.12
C VAL A 385 10.29 14.40 -16.95
N PHE A 386 10.30 15.74 -16.99
CA PHE A 386 11.54 16.48 -16.83
C PHE A 386 11.55 17.25 -15.52
N ILE A 387 12.73 17.26 -14.91
CA ILE A 387 12.92 17.81 -13.58
C ILE A 387 14.02 18.82 -13.67
N PRO A 388 13.71 20.09 -13.42
CA PRO A 388 14.72 21.15 -13.47
C PRO A 388 15.89 20.83 -12.52
N GLY A 389 17.12 20.94 -13.03
CA GLY A 389 18.29 20.65 -12.23
C GLY A 389 18.71 19.19 -12.15
N LEU A 390 17.86 18.28 -12.60
CA LEU A 390 18.14 16.85 -12.42
C LEU A 390 17.92 16.06 -13.72
N PRO A 391 18.89 16.13 -14.64
CA PRO A 391 18.66 15.43 -15.90
C PRO A 391 18.67 13.89 -15.76
N ALA A 392 17.95 13.19 -16.63
CA ALA A 392 18.16 11.78 -16.87
C ALA A 392 19.65 11.44 -17.12
N PRO A 393 20.06 10.19 -16.89
CA PRO A 393 21.49 9.85 -16.97
C PRO A 393 22.15 10.08 -18.34
N SER A 394 21.39 9.91 -19.41
CA SER A 394 21.94 10.10 -20.76
C SER A 394 22.13 11.59 -21.07
N LEU A 395 21.62 12.44 -20.17
CA LEU A 395 21.68 13.88 -20.36
C LEU A 395 22.54 14.59 -19.32
N THR A 396 23.31 13.85 -18.52
CA THR A 396 24.19 14.47 -17.53
C THR A 396 25.52 13.73 -17.35
N MET A 397 26.57 14.45 -16.99
CA MET A 397 27.85 13.85 -16.63
C MET A 397 27.87 13.48 -15.14
N SER A 398 26.86 13.88 -14.39
CA SER A 398 26.88 13.58 -12.97
C SER A 398 26.64 12.09 -12.84
N GLY A 399 27.19 11.49 -11.83
CA GLY A 399 26.82 10.10 -11.56
C GLY A 399 25.44 9.93 -10.94
N THR A 400 24.71 11.04 -10.76
CA THR A 400 23.47 11.00 -9.97
C THR A 400 22.24 10.60 -10.77
N TYR A 401 21.59 9.53 -10.32
CA TYR A 401 20.36 9.05 -10.95
C TYR A 401 19.27 8.77 -9.90
N ILE A 402 18.02 8.65 -10.34
CA ILE A 402 16.96 8.28 -9.42
C ILE A 402 16.97 6.78 -9.15
N HIS A 403 17.14 6.41 -7.90
CA HIS A 403 17.20 5.02 -7.51
C HIS A 403 15.78 4.46 -7.30
N SER A 404 14.87 5.28 -6.77
CA SER A 404 13.53 4.79 -6.49
C SER A 404 12.52 5.91 -6.27
N ILE A 405 11.26 5.54 -6.30
CA ILE A 405 10.14 6.48 -6.27
C ILE A 405 9.24 6.05 -5.14
N ARG A 406 8.74 6.99 -4.32
CA ARG A 406 7.93 6.62 -3.16
C ARG A 406 7.12 7.79 -2.59
N ASP A 407 6.32 7.47 -1.55
CA ASP A 407 5.48 8.45 -0.85
C ASP A 407 4.56 9.34 -1.75
N PRO A 408 3.82 8.75 -2.68
CA PRO A 408 2.93 9.67 -3.39
C PRO A 408 1.80 10.15 -2.51
N VAL A 409 1.61 11.47 -2.48
CA VAL A 409 0.53 12.12 -1.75
C VAL A 409 0.08 13.34 -2.56
N HIS A 410 -1.22 13.52 -2.76
CA HIS A 410 -1.73 14.57 -3.63
C HIS A 410 -1.05 14.43 -4.99
N ASN A 411 -0.32 15.44 -5.41
CA ASN A 411 0.37 15.35 -6.69
C ASN A 411 1.86 15.42 -6.52
N ARG A 412 2.34 14.99 -5.36
CA ARG A 412 3.76 15.07 -5.08
C ARG A 412 4.32 13.69 -4.78
N VAL A 413 5.58 13.53 -5.07
CA VAL A 413 6.23 12.22 -5.00
C VAL A 413 7.66 12.44 -4.56
N THR A 414 8.20 11.47 -3.82
CA THR A 414 9.59 11.46 -3.39
C THR A 414 10.46 10.66 -4.33
N LEU A 415 11.61 11.22 -4.70
CA LEU A 415 12.64 10.50 -5.43
C LEU A 415 13.80 10.18 -4.50
N GLU A 416 14.23 8.94 -4.47
CA GLU A 416 15.42 8.56 -3.71
C GLU A 416 16.57 8.66 -4.69
N LEU A 417 17.56 9.49 -4.37
CA LEU A 417 18.64 9.71 -5.32
C LEU A 417 19.82 8.82 -4.96
N SER A 418 20.66 8.53 -5.94
CA SER A 418 21.78 7.60 -5.77
C SER A 418 22.90 8.14 -4.87
N ASN A 419 22.86 9.43 -4.54
CA ASN A 419 23.87 10.03 -3.68
C ASN A 419 23.40 10.10 -2.23
N GLY A 420 22.33 9.38 -1.93
CA GLY A 420 21.82 9.28 -0.57
C GLY A 420 20.67 10.20 -0.26
N SER A 421 20.54 11.29 -1.01
CA SER A 421 19.55 12.28 -0.65
C SER A 421 18.18 12.01 -1.27
N MET A 422 17.20 12.77 -0.81
CA MET A 422 15.83 12.59 -1.23
C MET A 422 15.24 13.93 -1.53
N VAL A 423 14.38 13.91 -2.54
CA VAL A 423 13.85 15.10 -3.18
C VAL A 423 12.38 14.86 -3.41
N ARG A 424 11.56 15.87 -3.13
CA ARG A 424 10.13 15.79 -3.38
C ARG A 424 9.70 16.72 -4.51
N ILE A 425 8.95 16.20 -5.49
CA ILE A 425 8.56 17.00 -6.67
C ILE A 425 7.05 16.96 -6.94
N THR A 426 6.58 17.92 -7.72
CA THR A 426 5.19 18.02 -8.11
C THR A 426 5.01 17.58 -9.56
N ILE A 427 3.98 16.80 -9.83
CA ILE A 427 3.63 16.38 -11.17
C ILE A 427 2.40 17.15 -11.58
N PRO A 428 2.44 17.85 -12.74
CA PRO A 428 1.33 18.71 -13.12
C PRO A 428 0.14 17.87 -13.54
N GLU A 429 -1.07 18.43 -13.45
CA GLU A 429 -2.22 17.82 -14.10
C GLU A 429 -2.03 17.83 -15.61
N ILE A 430 -2.35 16.72 -16.23
CA ILE A 430 -2.42 16.69 -17.68
C ILE A 430 -3.89 16.67 -18.03
N ALA A 431 -4.68 16.45 -16.97
CA ALA A 431 -6.15 16.50 -16.94
C ALA A 431 -6.85 16.69 -18.27
#